data_5A9S
#
_entry.id   5A9S
#
_cell.length_a   52.790
_cell.length_b   66.060
_cell.length_c   147.880
_cell.angle_alpha   90.00
_cell.angle_beta   90.00
_cell.angle_gamma   90.00
#
_symmetry.space_group_name_H-M   'P 21 21 21'
#
loop_
_entity.id
_entity.type
_entity.pdbx_description
1 polymer 'IMINE REDUCTASE'
2 polymer 'IMINE REDUCTASE'
3 non-polymer 'CALCIUM ION'
4 non-polymer 'NADP NICOTINAMIDE-ADENINE-DINUCLEOTIDE PHOSPHATE'
5 water water
#
loop_
_entity_poly.entity_id
_entity_poly.type
_entity_poly.pdbx_seq_one_letter_code
_entity_poly.pdbx_strand_id
1 'polypeptide(L)'
;MTDQNLPVTVAGLGPMGSALAAALLDRGHDVTVWNRSPGKAAPLVAKGARQADDIVDAVSASRLLVVCLADYDALYSALG
PAREALRGRVVVNLNSGTPKEANEALRWAERHGTGYLDGAIMVPPAMVGHPGSVFLYSGSAEVFEEYKETLAGLGDPVHL
GTEAGLAVLYNTALLSMMYSSMNGFLHAAALVGSAGVPAAEFTKLAVDWFLPAVIGQIIKAEAPTIDEGVYPGDAGSLEM
NVTTLKHIIGTSQEQGVDTEIPVRNKELLDRAVAAGFGESSYYSVIELWR
;
A
2 'polypeptide(L)'
;MTDQNLPVTVAGLGPMGSALAAALLDRGHDVTVWNRSPGKAAPLVAKGARQADDIVDAVSASRLLVVCLADYDALYSALG
PAREALRGRVVVNLNSGTPKEANEALRWAERHGTGYLDGAIMVPPAMVGHPGSVFLYSGSAEVFEEYKETLAGLGDPVHL
GTEAGLAVLYNTALLSMMYSSMNGFLHAAALVGSAGVPAAEFTKLAVDWFLPAVIGQIIKAQAPTIDEGVYPGDAGSLEM
NVTTLKHIIGTSQEQGVDTEIPVRNKELLDRAVAAGFGESSYYSVIELWR
;
B
#
# COMPACT_ATOMS: atom_id res chain seq x y z
N THR A 2 1.74 -30.97 -27.54
CA THR A 2 2.79 -30.03 -27.06
C THR A 2 3.65 -30.68 -25.96
N ASP A 3 4.98 -30.63 -26.12
CA ASP A 3 5.92 -31.43 -25.34
C ASP A 3 5.83 -31.11 -23.84
N GLN A 4 5.27 -32.04 -23.08
CA GLN A 4 5.19 -31.88 -21.64
C GLN A 4 6.54 -32.01 -20.97
N ASN A 5 7.51 -32.60 -21.70
CA ASN A 5 8.86 -32.81 -21.18
C ASN A 5 9.91 -31.90 -21.86
N LEU A 6 9.43 -30.83 -22.47
CA LEU A 6 10.22 -29.93 -23.31
C LEU A 6 11.64 -29.72 -22.71
N PRO A 7 12.75 -29.96 -23.46
CA PRO A 7 14.06 -29.56 -22.87
C PRO A 7 14.10 -28.06 -22.65
N VAL A 8 14.70 -27.65 -21.56
CA VAL A 8 14.88 -26.20 -21.27
C VAL A 8 16.28 -26.02 -20.76
N THR A 9 16.90 -24.91 -21.15
CA THR A 9 18.14 -24.49 -20.58
C THR A 9 17.92 -23.26 -19.69
N VAL A 10 18.49 -23.28 -18.50
CA VAL A 10 18.54 -22.17 -17.60
C VAL A 10 19.98 -21.66 -17.52
N ALA A 11 20.17 -20.41 -17.92
CA ALA A 11 21.44 -19.68 -17.80
C ALA A 11 21.39 -18.67 -16.66
N GLY A 12 22.19 -18.92 -15.63
CA GLY A 12 22.26 -18.12 -14.44
C GLY A 12 21.73 -18.95 -13.27
N LEU A 13 22.56 -19.25 -12.28
CA LEU A 13 22.21 -20.13 -11.16
C LEU A 13 22.46 -19.45 -9.82
N GLY A 14 22.24 -18.15 -9.78
CA GLY A 14 22.03 -17.46 -8.50
C GLY A 14 20.79 -17.99 -7.79
N PRO A 15 20.43 -17.39 -6.64
CA PRO A 15 19.27 -17.90 -5.89
C PRO A 15 18.02 -18.02 -6.79
N MET A 16 17.79 -17.04 -7.63
CA MET A 16 16.63 -17.07 -8.53
C MET A 16 16.72 -18.05 -9.68
N GLY A 17 17.82 -18.04 -10.42
CA GLY A 17 18.05 -19.05 -11.45
C GLY A 17 17.96 -20.50 -11.00
N SER A 18 18.48 -20.79 -9.81
CA SER A 18 18.38 -22.09 -9.23
C SER A 18 16.96 -22.50 -8.94
N ALA A 19 16.19 -21.55 -8.44
CA ALA A 19 14.78 -21.80 -8.15
C ALA A 19 14.04 -22.07 -9.42
N LEU A 20 14.39 -21.32 -10.48
CA LEU A 20 13.78 -21.55 -11.77
C LEU A 20 14.04 -22.98 -12.27
N ALA A 21 15.31 -23.39 -12.23
CA ALA A 21 15.72 -24.68 -12.75
C ALA A 21 15.06 -25.83 -11.96
N ALA A 22 15.03 -25.68 -10.65
CA ALA A 22 14.45 -26.68 -9.80
C ALA A 22 12.96 -26.83 -10.07
N ALA A 23 12.27 -25.71 -10.26
CA ALA A 23 10.85 -25.77 -10.59
C ALA A 23 10.59 -26.48 -11.91
N LEU A 24 11.39 -26.20 -12.94
CA LEU A 24 11.26 -26.94 -14.19
C LEU A 24 11.60 -28.45 -14.07
N LEU A 25 12.63 -28.77 -13.29
CA LEU A 25 12.94 -30.18 -13.00
C LEU A 25 11.79 -30.88 -12.29
N ASP A 26 11.17 -30.21 -11.33
CA ASP A 26 9.98 -30.75 -10.64
C ASP A 26 8.84 -31.08 -11.58
N ARG A 27 8.70 -30.34 -12.66
CA ARG A 27 7.63 -30.56 -13.65
C ARG A 27 8.05 -31.38 -14.81
N GLY A 28 9.18 -32.10 -14.67
CA GLY A 28 9.51 -33.12 -15.66
C GLY A 28 10.03 -32.61 -16.98
N HIS A 29 10.72 -31.46 -16.96
CA HIS A 29 11.52 -31.10 -18.12
C HIS A 29 12.90 -31.69 -17.99
N ASP A 30 13.49 -31.94 -19.14
CA ASP A 30 14.93 -32.15 -19.33
C ASP A 30 15.70 -30.78 -19.27
N VAL A 31 16.33 -30.51 -18.15
CA VAL A 31 16.86 -29.19 -17.88
C VAL A 31 18.38 -29.23 -17.98
N THR A 32 18.92 -28.35 -18.79
CA THR A 32 20.35 -28.11 -18.85
C THR A 32 20.60 -26.80 -18.14
N VAL A 33 21.59 -26.77 -17.24
CA VAL A 33 21.92 -25.59 -16.51
C VAL A 33 23.29 -25.04 -16.88
N TRP A 34 23.45 -23.73 -16.75
CA TRP A 34 24.71 -23.09 -16.97
C TRP A 34 24.85 -21.92 -16.03
N ASN A 35 26.05 -21.74 -15.53
CA ASN A 35 26.43 -20.53 -14.77
C ASN A 35 27.88 -20.18 -15.09
N ARG A 36 28.24 -18.89 -15.01
CA ARG A 36 29.66 -18.52 -15.18
C ARG A 36 30.56 -19.14 -14.10
N SER A 37 30.29 -18.85 -12.84
CA SER A 37 31.05 -19.44 -11.76
C SER A 37 30.66 -20.91 -11.59
N PRO A 38 31.66 -21.83 -11.57
CA PRO A 38 31.38 -23.22 -11.26
C PRO A 38 31.00 -23.33 -9.80
N GLY A 39 30.34 -24.43 -9.43
CA GLY A 39 30.07 -24.68 -8.01
C GLY A 39 28.61 -24.54 -7.59
N LYS A 40 27.81 -23.82 -8.38
CA LYS A 40 26.37 -23.66 -8.14
C LYS A 40 25.44 -24.70 -8.75
N ALA A 41 25.94 -25.46 -9.71
CA ALA A 41 25.17 -26.44 -10.44
C ALA A 41 24.88 -27.74 -9.68
N ALA A 42 25.72 -28.08 -8.69
CA ALA A 42 25.67 -29.44 -8.07
C ALA A 42 24.31 -29.85 -7.51
N PRO A 43 23.69 -28.97 -6.70
CA PRO A 43 22.36 -29.32 -6.20
C PRO A 43 21.34 -29.60 -7.32
N LEU A 44 21.45 -28.87 -8.43
CA LEU A 44 20.56 -29.10 -9.59
C LEU A 44 20.90 -30.39 -10.33
N VAL A 45 22.20 -30.67 -10.48
CA VAL A 45 22.63 -31.94 -11.05
C VAL A 45 22.09 -33.10 -10.20
N ALA A 46 22.20 -32.97 -8.87
CA ALA A 46 21.58 -33.94 -7.95
C ALA A 46 20.10 -34.19 -8.25
N LYS A 47 19.39 -33.14 -8.66
CA LYS A 47 17.96 -33.22 -8.97
C LYS A 47 17.63 -33.68 -10.39
N GLY A 48 18.64 -33.99 -11.20
CA GLY A 48 18.44 -34.51 -12.54
C GLY A 48 18.90 -33.59 -13.67
N ALA A 49 19.43 -32.39 -13.37
CA ALA A 49 19.87 -31.46 -14.45
C ALA A 49 21.16 -31.95 -15.07
N ARG A 50 21.37 -31.61 -16.34
CA ARG A 50 22.66 -31.80 -17.01
C ARG A 50 23.40 -30.46 -16.94
N GLN A 51 24.63 -30.48 -16.43
CA GLN A 51 25.47 -29.29 -16.47
C GLN A 51 26.15 -29.06 -17.82
N ALA A 52 26.01 -27.86 -18.40
CA ALA A 52 26.67 -27.52 -19.65
C ALA A 52 28.08 -27.00 -19.31
N ASP A 53 29.05 -27.40 -20.11
CA ASP A 53 30.45 -26.97 -19.93
C ASP A 53 30.54 -25.45 -20.18
N ASP A 54 29.92 -25.04 -21.28
CA ASP A 54 30.02 -23.72 -21.79
C ASP A 54 28.72 -23.31 -22.44
N ILE A 55 28.63 -22.04 -22.79
CA ILE A 55 27.34 -21.47 -23.20
C ILE A 55 26.87 -22.00 -24.56
N VAL A 56 27.76 -22.35 -25.45
CA VAL A 56 27.35 -23.01 -26.71
C VAL A 56 26.64 -24.34 -26.48
N ASP A 57 27.24 -25.13 -25.61
CA ASP A 57 26.70 -26.41 -25.11
C ASP A 57 25.29 -26.19 -24.52
N ALA A 58 25.18 -25.22 -23.61
CA ALA A 58 23.92 -24.92 -22.94
C ALA A 58 22.82 -24.53 -23.94
N VAL A 59 23.16 -23.58 -24.79
CA VAL A 59 22.26 -23.04 -25.81
C VAL A 59 21.84 -24.12 -26.81
N SER A 60 22.79 -24.97 -27.22
CA SER A 60 22.46 -25.94 -28.24
C SER A 60 21.69 -27.14 -27.68
N ALA A 61 21.55 -27.25 -26.34
CA ALA A 61 20.77 -28.32 -25.76
C ALA A 61 19.25 -28.12 -25.85
N SER A 62 18.77 -26.90 -26.04
CA SER A 62 17.31 -26.64 -25.91
C SER A 62 16.88 -25.61 -26.89
N ARG A 63 15.62 -25.68 -27.31
CA ARG A 63 15.04 -24.62 -28.10
C ARG A 63 14.62 -23.45 -27.16
N LEU A 64 14.13 -23.76 -25.97
CA LEU A 64 13.78 -22.71 -24.98
C LEU A 64 14.92 -22.44 -24.00
N LEU A 65 15.34 -21.16 -23.94
CA LEU A 65 16.44 -20.68 -23.10
C LEU A 65 15.92 -19.64 -22.07
N VAL A 66 15.99 -20.00 -20.81
CA VAL A 66 15.50 -19.17 -19.74
C VAL A 66 16.74 -18.51 -19.19
N VAL A 67 16.79 -17.17 -19.23
CA VAL A 67 17.96 -16.39 -18.80
C VAL A 67 17.64 -15.59 -17.56
N CYS A 68 18.45 -15.78 -16.52
CA CYS A 68 18.30 -15.12 -15.24
C CYS A 68 19.67 -14.72 -14.71
N LEU A 69 20.22 -13.69 -15.34
CA LEU A 69 21.53 -13.18 -14.98
C LEU A 69 21.40 -12.04 -14.00
N ALA A 70 22.51 -11.68 -13.40
CA ALA A 70 22.54 -10.48 -12.50
C ALA A 70 22.48 -9.15 -13.22
N ASP A 71 23.00 -9.16 -14.45
CA ASP A 71 23.49 -7.96 -15.25
C ASP A 71 23.09 -6.59 -14.66
N LEU A 75 23.90 -10.15 -20.42
CA LEU A 75 23.26 -11.02 -21.41
C LEU A 75 24.05 -11.12 -22.69
N TYR A 76 24.56 -9.98 -23.14
CA TYR A 76 25.27 -9.89 -24.42
C TYR A 76 26.60 -10.52 -24.24
N SER A 77 27.13 -10.41 -23.03
CA SER A 77 28.42 -10.91 -22.73
C SER A 77 28.31 -12.42 -22.50
N ALA A 78 27.23 -12.87 -21.85
CA ALA A 78 27.12 -14.27 -21.48
C ALA A 78 26.81 -15.11 -22.69
N LEU A 79 25.92 -14.62 -23.55
CA LEU A 79 25.48 -15.43 -24.65
C LEU A 79 26.18 -15.08 -25.96
N GLY A 80 26.84 -13.95 -26.00
CA GLY A 80 27.68 -13.59 -27.13
C GLY A 80 28.50 -14.70 -27.80
N PRO A 81 29.25 -15.47 -27.05
CA PRO A 81 29.96 -16.60 -27.68
C PRO A 81 29.05 -17.63 -28.39
N ALA A 82 27.75 -17.70 -28.04
CA ALA A 82 26.83 -18.61 -28.66
C ALA A 82 26.05 -17.94 -29.81
N ARG A 83 26.51 -16.78 -30.31
CA ARG A 83 25.80 -16.06 -31.36
C ARG A 83 25.06 -16.93 -32.39
N GLU A 84 25.82 -17.80 -33.03
CA GLU A 84 25.32 -18.59 -34.17
C GLU A 84 24.41 -19.78 -33.76
N ALA A 85 24.68 -20.32 -32.59
CA ALA A 85 23.85 -21.40 -32.03
C ALA A 85 22.49 -20.89 -31.65
N LEU A 86 22.37 -19.58 -31.48
CA LEU A 86 21.09 -18.97 -31.08
C LEU A 86 20.01 -19.00 -32.13
N ARG A 87 20.39 -19.11 -33.40
CA ARG A 87 19.42 -19.05 -34.48
C ARG A 87 18.30 -20.09 -34.32
N GLY A 88 17.04 -19.64 -34.46
CA GLY A 88 15.88 -20.52 -34.35
C GLY A 88 15.51 -20.92 -32.92
N ARG A 89 16.18 -20.36 -31.92
CA ARG A 89 15.82 -20.65 -30.52
C ARG A 89 14.99 -19.49 -29.93
N VAL A 90 14.59 -19.62 -28.68
CA VAL A 90 13.79 -18.60 -27.98
C VAL A 90 14.43 -18.29 -26.64
N VAL A 91 14.66 -17.01 -26.39
CA VAL A 91 15.11 -16.53 -25.09
C VAL A 91 13.96 -15.91 -24.29
N VAL A 92 13.83 -16.33 -23.03
CA VAL A 92 12.97 -15.75 -22.05
C VAL A 92 13.87 -15.09 -21.06
N ASN A 93 13.97 -13.75 -21.14
CA ASN A 93 14.91 -13.01 -20.31
C ASN A 93 14.22 -12.46 -19.09
N LEU A 94 14.64 -12.94 -17.94
CA LEU A 94 13.96 -12.66 -16.68
C LEU A 94 14.71 -11.68 -15.79
N ASN A 95 15.69 -11.02 -16.35
CA ASN A 95 16.40 -10.06 -15.60
C ASN A 95 16.90 -8.78 -16.24
N SER A 96 16.08 -8.13 -17.04
CA SER A 96 16.40 -6.75 -17.45
C SER A 96 16.07 -5.76 -16.32
N GLY A 97 16.89 -4.71 -16.27
CA GLY A 97 16.79 -3.64 -15.32
C GLY A 97 15.78 -2.59 -15.78
N THR A 98 15.84 -2.11 -17.05
CA THR A 98 15.00 -0.99 -17.50
C THR A 98 14.41 -1.35 -18.82
N PRO A 99 13.37 -0.58 -19.26
CA PRO A 99 12.77 -0.90 -20.54
C PRO A 99 13.70 -0.76 -21.73
N LYS A 100 14.52 0.27 -21.74
CA LYS A 100 15.56 0.38 -22.76
C LYS A 100 16.42 -0.90 -22.86
N GLU A 101 16.85 -1.45 -21.74
CA GLU A 101 17.67 -2.67 -21.75
C GLU A 101 16.88 -3.82 -22.33
N ALA A 102 15.59 -3.93 -22.00
CA ALA A 102 14.74 -4.94 -22.60
C ALA A 102 14.68 -4.80 -24.13
N ASN A 103 14.54 -3.56 -24.59
CA ASN A 103 14.56 -3.28 -26.02
C ASN A 103 15.89 -3.58 -26.72
N GLU A 104 17.01 -3.28 -26.08
CA GLU A 104 18.33 -3.66 -26.59
C GLU A 104 18.47 -5.18 -26.68
N ALA A 105 17.98 -5.90 -25.68
CA ALA A 105 18.05 -7.35 -25.70
C ALA A 105 17.21 -7.90 -26.85
N LEU A 106 15.99 -7.41 -27.02
CA LEU A 106 15.18 -7.78 -28.18
C LEU A 106 15.92 -7.60 -29.49
N ARG A 107 16.52 -6.42 -29.71
CA ARG A 107 17.25 -6.15 -30.95
C ARG A 107 18.38 -7.15 -31.11
N TRP A 108 19.14 -7.35 -30.05
CA TRP A 108 20.23 -8.31 -30.08
C TRP A 108 19.72 -9.70 -30.39
N ALA A 109 18.69 -10.18 -29.68
CA ALA A 109 18.07 -11.51 -29.97
C ALA A 109 17.65 -11.68 -31.45
N GLU A 110 16.92 -10.68 -31.95
CA GLU A 110 16.30 -10.76 -33.28
C GLU A 110 17.32 -10.75 -34.38
N ARG A 111 18.37 -9.98 -34.18
CA ARG A 111 19.51 -9.96 -35.05
C ARG A 111 20.06 -11.37 -35.28
N HIS A 112 20.08 -12.19 -34.24
CA HIS A 112 20.61 -13.56 -34.28
C HIS A 112 19.58 -14.62 -34.63
N GLY A 113 18.40 -14.19 -35.04
CA GLY A 113 17.38 -15.11 -35.42
C GLY A 113 16.74 -15.82 -34.29
N THR A 114 16.72 -15.18 -33.13
CA THR A 114 16.11 -15.84 -31.94
C THR A 114 14.84 -15.10 -31.48
N GLY A 115 13.79 -15.88 -31.15
CA GLY A 115 12.59 -15.31 -30.48
C GLY A 115 12.92 -14.75 -29.09
N TYR A 116 12.14 -13.78 -28.65
CA TYR A 116 12.38 -13.05 -27.38
C TYR A 116 11.12 -12.76 -26.56
N LEU A 117 11.15 -13.14 -25.30
CA LEU A 117 10.19 -12.70 -24.33
C LEU A 117 10.97 -12.07 -23.20
N ASP A 118 10.48 -10.96 -22.68
CA ASP A 118 11.00 -10.39 -21.47
C ASP A 118 9.98 -10.66 -20.35
N GLY A 119 10.46 -11.02 -19.18
CA GLY A 119 9.61 -11.38 -18.02
C GLY A 119 10.08 -10.73 -16.76
N ALA A 120 9.17 -10.51 -15.83
CA ALA A 120 9.47 -9.95 -14.55
C ALA A 120 8.93 -10.89 -13.51
N ILE A 121 9.80 -11.29 -12.58
CA ILE A 121 9.45 -12.28 -11.58
C ILE A 121 8.90 -11.51 -10.38
N MET A 122 7.66 -11.79 -9.98
CA MET A 122 7.03 -10.94 -8.97
C MET A 122 7.04 -11.53 -7.55
N VAL A 123 7.85 -12.56 -7.32
CA VAL A 123 7.92 -13.21 -6.03
C VAL A 123 9.35 -13.58 -5.74
N PRO A 124 9.68 -13.85 -4.46
CA PRO A 124 11.02 -14.31 -4.20
C PRO A 124 11.26 -15.76 -4.63
N PRO A 125 12.55 -16.16 -4.73
CA PRO A 125 12.99 -17.46 -5.25
C PRO A 125 12.26 -18.61 -4.62
N ALA A 126 12.08 -18.56 -3.29
CA ALA A 126 11.40 -19.64 -2.60
C ALA A 126 9.92 -19.80 -3.00
N MET A 127 9.30 -18.77 -3.57
CA MET A 127 7.94 -18.92 -4.05
C MET A 127 7.82 -19.38 -5.49
N VAL A 128 8.91 -19.34 -6.25
CA VAL A 128 8.88 -19.74 -7.65
C VAL A 128 8.41 -21.21 -7.74
N GLY A 129 7.48 -21.48 -8.64
CA GLY A 129 6.95 -22.81 -8.80
C GLY A 129 5.98 -23.20 -7.69
N HIS A 130 5.55 -22.25 -6.84
CA HIS A 130 4.55 -22.55 -5.78
C HIS A 130 3.29 -21.70 -5.96
N PRO A 131 2.19 -22.05 -5.23
CA PRO A 131 0.95 -21.30 -5.46
C PRO A 131 1.15 -19.87 -5.04
N GLY A 132 0.60 -18.96 -5.82
CA GLY A 132 0.83 -17.54 -5.59
C GLY A 132 1.91 -16.94 -6.50
N SER A 133 2.77 -17.77 -7.10
CA SER A 133 3.80 -17.27 -7.99
C SER A 133 3.20 -16.62 -9.24
N VAL A 134 3.69 -15.41 -9.56
CA VAL A 134 3.24 -14.67 -10.72
C VAL A 134 4.46 -14.10 -11.43
N PHE A 135 4.46 -14.24 -12.76
CA PHE A 135 5.49 -13.70 -13.63
C PHE A 135 4.74 -12.87 -14.68
N LEU A 136 5.25 -11.68 -14.93
CA LEU A 136 4.75 -10.79 -15.99
C LEU A 136 5.63 -10.95 -17.25
N TYR A 137 4.99 -11.08 -18.42
CA TYR A 137 5.68 -11.25 -19.66
C TYR A 137 5.26 -10.20 -20.67
N SER A 138 6.21 -9.85 -21.52
CA SER A 138 5.99 -9.07 -22.69
C SER A 138 6.88 -9.53 -23.83
N GLY A 139 6.35 -9.45 -25.04
CA GLY A 139 7.04 -9.91 -26.26
C GLY A 139 6.05 -10.64 -27.17
N SER A 140 6.55 -11.14 -28.28
CA SER A 140 5.75 -11.82 -29.30
C SER A 140 4.66 -12.71 -28.72
N ALA A 141 3.42 -12.47 -29.15
CA ALA A 141 2.28 -13.26 -28.71
C ALA A 141 2.33 -14.72 -29.18
N GLU A 142 2.94 -14.97 -30.34
CA GLU A 142 3.05 -16.40 -30.80
C GLU A 142 4.09 -17.17 -29.96
N VAL A 143 5.18 -16.52 -29.61
CA VAL A 143 6.17 -17.14 -28.72
C VAL A 143 5.51 -17.42 -27.37
N PHE A 144 4.77 -16.42 -26.87
CA PHE A 144 4.09 -16.59 -25.60
C PHE A 144 3.11 -17.78 -25.59
N GLU A 145 2.28 -17.87 -26.62
CA GLU A 145 1.30 -18.90 -26.71
C GLU A 145 1.97 -20.26 -26.92
N GLU A 146 3.10 -20.29 -27.64
CA GLU A 146 3.85 -21.57 -27.77
C GLU A 146 4.40 -22.14 -26.45
N TYR A 147 4.89 -21.28 -25.56
CA TYR A 147 5.57 -21.69 -24.34
C TYR A 147 4.85 -21.44 -23.06
N LYS A 148 3.65 -20.87 -23.16
CA LYS A 148 2.73 -20.56 -22.05
C LYS A 148 2.60 -21.68 -21.04
N GLU A 149 2.37 -22.89 -21.52
CA GLU A 149 2.12 -24.04 -20.65
C GLU A 149 3.39 -24.37 -19.90
N THR A 150 4.55 -24.32 -20.58
CA THR A 150 5.83 -24.51 -19.88
C THR A 150 6.05 -23.38 -18.88
N LEU A 151 5.83 -22.14 -19.29
CA LEU A 151 6.08 -20.99 -18.37
C LEU A 151 5.20 -21.03 -17.10
N ALA A 152 3.99 -21.56 -17.27
CA ALA A 152 3.01 -21.72 -16.14
C ALA A 152 3.56 -22.54 -15.00
N GLY A 153 4.52 -23.44 -15.28
CA GLY A 153 5.16 -24.15 -14.20
C GLY A 153 5.92 -23.26 -13.22
N LEU A 154 6.35 -22.09 -13.69
CA LEU A 154 7.08 -21.15 -12.86
C LEU A 154 6.21 -20.22 -12.00
N GLY A 155 5.05 -19.88 -12.52
CA GLY A 155 4.20 -18.89 -11.92
C GLY A 155 3.13 -18.62 -12.93
N ASP A 156 2.02 -18.14 -12.44
CA ASP A 156 0.95 -17.74 -13.31
C ASP A 156 1.48 -16.69 -14.29
N PRO A 157 1.42 -16.99 -15.61
CA PRO A 157 2.04 -16.11 -16.58
C PRO A 157 1.04 -15.09 -17.10
N VAL A 158 1.37 -13.81 -16.93
CA VAL A 158 0.48 -12.73 -17.38
C VAL A 158 1.15 -12.02 -18.50
N HIS A 159 0.54 -12.10 -19.67
CA HIS A 159 1.09 -11.44 -20.85
C HIS A 159 0.57 -10.02 -20.90
N LEU A 160 1.46 -9.04 -20.88
CA LEU A 160 1.04 -7.64 -20.85
C LEU A 160 0.84 -6.99 -22.20
N GLY A 161 1.39 -7.58 -23.25
CA GLY A 161 1.42 -6.96 -24.56
C GLY A 161 2.69 -7.43 -25.27
N THR A 162 2.85 -6.99 -26.52
CA THR A 162 3.93 -7.56 -27.37
C THR A 162 5.19 -6.77 -27.33
N GLU A 163 5.18 -5.55 -26.76
CA GLU A 163 6.38 -4.72 -26.79
C GLU A 163 7.33 -5.15 -25.67
N ALA A 164 8.60 -5.27 -26.02
CA ALA A 164 9.59 -5.89 -25.16
C ALA A 164 9.68 -5.27 -23.76
N GLY A 165 9.65 -3.95 -23.71
CA GLY A 165 9.83 -3.19 -22.50
C GLY A 165 8.72 -3.19 -21.48
N LEU A 166 7.56 -3.75 -21.77
CA LEU A 166 6.40 -3.58 -20.88
C LEU A 166 6.55 -4.27 -19.52
N ALA A 167 7.11 -5.47 -19.50
CA ALA A 167 7.19 -6.22 -18.24
C ALA A 167 8.01 -5.49 -17.20
N VAL A 168 9.18 -5.04 -17.61
CA VAL A 168 10.06 -4.25 -16.75
CA VAL A 168 10.06 -4.23 -16.74
C VAL A 168 9.39 -2.91 -16.34
N LEU A 169 8.66 -2.32 -17.26
CA LEU A 169 7.95 -1.09 -16.96
C LEU A 169 6.92 -1.33 -15.85
N TYR A 170 6.08 -2.34 -15.98
CA TYR A 170 5.10 -2.67 -14.97
C TYR A 170 5.74 -3.06 -13.67
N ASN A 171 6.75 -3.90 -13.76
CA ASN A 171 7.48 -4.27 -12.56
C ASN A 171 8.07 -3.08 -11.80
N THR A 172 8.78 -2.19 -12.50
CA THR A 172 9.36 -1.02 -11.82
C THR A 172 8.27 -0.13 -11.24
N ALA A 173 7.16 0.05 -11.96
CA ALA A 173 6.05 0.79 -11.45
C ALA A 173 5.51 0.25 -10.14
N LEU A 174 5.18 -1.03 -10.16
CA LEU A 174 4.58 -1.70 -9.04
C LEU A 174 5.54 -1.67 -7.85
N LEU A 175 6.80 -1.96 -8.11
CA LEU A 175 7.78 -1.92 -7.06
C LEU A 175 8.01 -0.52 -6.48
N SER A 176 7.93 0.52 -7.29
CA SER A 176 7.98 1.86 -6.77
C SER A 176 6.85 2.13 -5.73
N MET A 177 5.63 1.69 -6.03
CA MET A 177 4.52 1.75 -5.08
C MET A 177 4.83 0.96 -3.80
N MET A 178 5.41 -0.22 -3.97
CA MET A 178 5.71 -1.10 -2.83
C MET A 178 6.65 -0.41 -1.85
N TYR A 179 7.73 0.18 -2.35
CA TYR A 179 8.69 0.83 -1.46
C TYR A 179 8.03 1.96 -0.69
N SER A 180 7.25 2.79 -1.37
CA SER A 180 6.58 3.91 -0.69
C SER A 180 5.65 3.43 0.35
N SER A 181 4.89 2.37 0.01
CA SER A 181 3.90 1.80 0.93
CA SER A 181 3.88 1.82 0.92
C SER A 181 4.56 1.18 2.15
N MET A 182 5.67 0.52 1.93
CA MET A 182 6.39 -0.09 3.05
C MET A 182 6.96 0.96 3.98
N ASN A 183 7.48 2.04 3.41
CA ASN A 183 8.04 3.10 4.22
C ASN A 183 6.98 3.80 5.06
N GLY A 184 5.79 4.00 4.47
CA GLY A 184 4.67 4.51 5.21
C GLY A 184 4.23 3.60 6.34
N PHE A 185 4.16 2.30 6.04
CA PHE A 185 3.89 1.29 7.06
C PHE A 185 4.89 1.38 8.20
N LEU A 186 6.18 1.50 7.89
CA LEU A 186 7.19 1.56 8.94
C LEU A 186 7.03 2.80 9.82
N HIS A 187 6.67 3.92 9.23
CA HIS A 187 6.36 5.07 10.03
C HIS A 187 5.15 4.84 10.95
N ALA A 188 4.09 4.25 10.39
CA ALA A 188 2.92 3.85 11.15
C ALA A 188 3.28 2.95 12.35
N ALA A 189 4.10 1.94 12.09
CA ALA A 189 4.49 0.98 13.12
C ALA A 189 5.33 1.65 14.21
N ALA A 190 6.17 2.60 13.80
CA ALA A 190 6.99 3.31 14.75
C ALA A 190 6.13 4.13 15.64
N LEU A 191 5.14 4.77 15.04
CA LEU A 191 4.18 5.56 15.76
C LEU A 191 3.37 4.81 16.77
N VAL A 192 2.76 3.70 16.41
CA VAL A 192 2.01 2.97 17.42
C VAL A 192 2.95 2.33 18.44
N GLY A 193 4.11 1.88 17.95
CA GLY A 193 5.12 1.30 18.81
C GLY A 193 5.60 2.25 19.92
N SER A 194 5.63 3.54 19.65
CA SER A 194 6.06 4.53 20.64
C SER A 194 5.11 4.59 21.84
N ALA A 195 3.85 4.14 21.71
CA ALA A 195 2.95 4.02 22.86
C ALA A 195 2.91 2.64 23.43
N GLY A 196 3.75 1.72 22.91
CA GLY A 196 3.79 0.36 23.40
C GLY A 196 2.77 -0.57 22.80
N VAL A 197 2.22 -0.21 21.64
CA VAL A 197 1.22 -1.05 20.98
C VAL A 197 2.02 -2.18 20.38
N PRO A 198 1.54 -3.41 20.53
CA PRO A 198 2.28 -4.52 19.98
C PRO A 198 2.23 -4.51 18.43
N ALA A 199 3.33 -4.85 17.81
CA ALA A 199 3.45 -4.70 16.35
C ALA A 199 2.68 -5.72 15.54
N ALA A 200 2.59 -6.94 16.04
CA ALA A 200 1.94 -8.02 15.29
C ALA A 200 0.51 -7.67 15.02
N GLU A 201 -0.21 -7.31 16.10
CA GLU A 201 -1.64 -7.04 16.01
C GLU A 201 -1.94 -5.80 15.17
N PHE A 202 -1.15 -4.76 15.32
CA PHE A 202 -1.28 -3.58 14.50
C PHE A 202 -1.04 -3.92 13.02
N THR A 203 -0.03 -4.74 12.79
CA THR A 203 0.35 -5.10 11.44
C THR A 203 -0.79 -5.83 10.74
N LYS A 204 -1.46 -6.72 11.45
CA LYS A 204 -2.57 -7.47 10.89
C LYS A 204 -3.76 -6.59 10.62
N LEU A 205 -4.08 -5.68 11.55
CA LEU A 205 -5.09 -4.67 11.25
C LEU A 205 -4.74 -3.86 9.97
N ALA A 206 -3.52 -3.35 9.91
CA ALA A 206 -3.06 -2.51 8.80
C ALA A 206 -3.10 -3.27 7.47
N VAL A 207 -2.73 -4.55 7.49
CA VAL A 207 -2.56 -5.30 6.27
C VAL A 207 -3.85 -6.06 5.88
N ASP A 208 -4.45 -6.75 6.83
CA ASP A 208 -5.60 -7.59 6.54
C ASP A 208 -6.84 -6.76 6.41
N TRP A 209 -6.89 -5.55 6.98
CA TRP A 209 -8.08 -4.72 6.82
C TRP A 209 -7.77 -3.39 6.09
N PHE A 210 -6.87 -2.57 6.62
CA PHE A 210 -6.79 -1.20 6.15
C PHE A 210 -6.29 -1.11 4.73
N LEU A 211 -5.27 -1.91 4.44
CA LEU A 211 -4.66 -1.90 3.13
C LEU A 211 -5.67 -2.15 1.98
N PRO A 212 -6.41 -3.25 2.01
CA PRO A 212 -7.41 -3.43 0.95
C PRO A 212 -8.68 -2.63 1.08
N ALA A 213 -9.25 -2.52 2.28
CA ALA A 213 -10.53 -1.83 2.48
C ALA A 213 -10.45 -0.34 2.40
N VAL A 214 -9.33 0.28 2.78
CA VAL A 214 -9.21 1.70 2.72
C VAL A 214 -8.22 2.17 1.64
N ILE A 215 -6.97 1.74 1.73
CA ILE A 215 -5.97 2.24 0.79
C ILE A 215 -6.41 1.89 -0.67
N GLY A 216 -6.72 0.61 -0.91
CA GLY A 216 -7.11 0.19 -2.22
C GLY A 216 -8.37 0.85 -2.75
N GLN A 217 -9.36 1.04 -1.88
CA GLN A 217 -10.63 1.71 -2.27
C GLN A 217 -10.43 3.17 -2.57
N ILE A 218 -9.66 3.85 -1.76
CA ILE A 218 -9.40 5.19 -2.08
C ILE A 218 -8.56 5.45 -3.33
N ILE A 219 -7.58 4.60 -3.61
CA ILE A 219 -6.91 4.66 -4.88
C ILE A 219 -7.90 4.51 -6.00
N LYS A 220 -8.72 3.46 -5.94
CA LYS A 220 -9.75 3.30 -6.99
C LYS A 220 -10.74 4.46 -7.08
N ALA A 221 -11.15 5.04 -5.93
CA ALA A 221 -12.00 6.22 -5.92
C ALA A 221 -11.25 7.39 -6.57
N GLU A 222 -10.00 7.63 -6.22
CA GLU A 222 -9.30 8.77 -6.83
C GLU A 222 -9.03 8.57 -8.34
N ALA A 223 -8.88 7.33 -8.80
CA ALA A 223 -8.45 7.06 -10.19
C ALA A 223 -9.55 7.57 -11.11
N PRO A 224 -9.25 8.56 -11.98
CA PRO A 224 -10.32 9.15 -12.75
C PRO A 224 -11.07 8.15 -13.66
N THR A 225 -10.46 7.03 -14.04
CA THR A 225 -11.14 6.11 -14.95
C THR A 225 -11.65 4.87 -14.31
N ILE A 226 -11.78 4.84 -12.97
CA ILE A 226 -12.47 3.72 -12.31
C ILE A 226 -13.68 4.23 -11.54
N ASP A 227 -14.81 3.59 -11.72
CA ASP A 227 -15.99 3.85 -10.92
C ASP A 227 -16.70 2.52 -10.65
N ASP A 234 -14.19 9.76 -1.65
CA ASP A 234 -12.79 9.91 -2.10
C ASP A 234 -11.91 10.56 -1.01
N ALA A 235 -10.66 10.90 -1.35
CA ALA A 235 -9.71 11.50 -0.38
C ALA A 235 -9.97 12.99 0.02
N GLY A 236 -10.98 13.65 -0.58
CA GLY A 236 -11.28 15.09 -0.33
C GLY A 236 -10.22 15.96 -0.99
N SER A 237 -10.41 17.30 -0.92
CA SER A 237 -9.49 18.22 -1.58
C SER A 237 -8.07 18.12 -1.04
N LEU A 238 -7.12 18.62 -1.81
CA LEU A 238 -5.75 18.80 -1.30
C LEU A 238 -5.62 19.53 0.02
N GLU A 239 -6.36 20.63 0.19
CA GLU A 239 -6.29 21.45 1.39
C GLU A 239 -6.72 20.68 2.64
N MET A 240 -7.77 19.88 2.52
CA MET A 240 -8.23 19.06 3.65
C MET A 240 -7.11 18.09 4.08
N ASN A 241 -6.44 17.52 3.07
CA ASN A 241 -5.41 16.52 3.34
C ASN A 241 -4.19 17.17 3.95
N VAL A 242 -3.86 18.42 3.57
CA VAL A 242 -2.70 19.09 4.30
C VAL A 242 -2.98 19.24 5.81
N THR A 243 -4.20 19.58 6.17
CA THR A 243 -4.57 19.60 7.59
C THR A 243 -4.41 18.26 8.27
N THR A 244 -4.86 17.18 7.62
CA THR A 244 -4.70 15.86 8.16
C THR A 244 -3.21 15.56 8.37
N LEU A 245 -2.39 15.84 7.38
CA LEU A 245 -0.97 15.62 7.52
C LEU A 245 -0.33 16.40 8.70
N LYS A 246 -0.81 17.62 8.94
CA LYS A 246 -0.33 18.44 10.10
C LYS A 246 -0.66 17.77 11.45
N HIS A 247 -1.82 17.15 11.56
CA HIS A 247 -2.12 16.34 12.74
C HIS A 247 -1.18 15.15 12.91
N ILE A 248 -0.85 14.48 11.80
CA ILE A 248 0.03 13.30 11.80
C ILE A 248 1.41 13.78 12.23
N ILE A 249 1.87 14.89 11.68
CA ILE A 249 3.15 15.43 12.12
C ILE A 249 3.10 15.76 13.63
N GLY A 250 2.05 16.43 14.06
CA GLY A 250 1.87 16.83 15.49
C GLY A 250 1.89 15.62 16.40
N THR A 251 1.21 14.55 16.00
CA THR A 251 1.12 13.35 16.77
C THR A 251 2.49 12.67 16.77
N SER A 252 3.18 12.65 15.65
CA SER A 252 4.51 12.10 15.59
C SER A 252 5.49 12.85 16.54
N GLN A 253 5.47 14.17 16.52
CA GLN A 253 6.23 15.01 17.47
C GLN A 253 5.87 14.69 18.94
N GLU A 254 4.59 14.64 19.31
CA GLU A 254 4.24 14.28 20.70
C GLU A 254 4.69 12.90 21.08
N GLN A 255 4.71 11.96 20.13
CA GLN A 255 5.16 10.61 20.43
C GLN A 255 6.67 10.41 20.37
N GLY A 256 7.43 11.41 19.95
CA GLY A 256 8.87 11.25 19.87
C GLY A 256 9.30 10.44 18.65
N VAL A 257 8.51 10.41 17.58
CA VAL A 257 8.85 9.64 16.39
C VAL A 257 9.25 10.61 15.30
N ASP A 258 10.31 10.29 14.57
CA ASP A 258 10.84 11.15 13.51
C ASP A 258 9.74 11.50 12.51
N THR A 259 9.63 12.76 12.16
CA THR A 259 8.58 13.19 11.30
C THR A 259 8.86 13.24 9.82
N GLU A 260 10.04 12.79 9.44
CA GLU A 260 10.45 12.79 8.03
C GLU A 260 9.38 12.37 7.01
N ILE A 261 8.80 11.19 7.24
CA ILE A 261 7.81 10.66 6.29
C ILE A 261 6.63 11.56 6.12
N PRO A 262 5.96 11.93 7.24
CA PRO A 262 4.79 12.78 7.01
C PRO A 262 5.12 14.23 6.62
N VAL A 263 6.29 14.71 7.05
CA VAL A 263 6.79 16.03 6.55
C VAL A 263 6.97 16.02 5.04
N ARG A 264 7.65 15.00 4.52
CA ARG A 264 7.82 14.89 3.06
C ARG A 264 6.48 14.77 2.30
N ASN A 265 5.58 13.99 2.83
CA ASN A 265 4.23 13.87 2.21
C ASN A 265 3.48 15.18 2.17
N LYS A 266 3.55 15.89 3.29
CA LYS A 266 2.96 17.24 3.39
C LYS A 266 3.60 18.22 2.43
N GLU A 267 4.92 18.20 2.32
CA GLU A 267 5.65 19.10 1.41
C GLU A 267 5.24 18.89 -0.03
N LEU A 268 4.98 17.64 -0.38
CA LEU A 268 4.53 17.30 -1.70
C LEU A 268 3.19 17.93 -1.99
N LEU A 269 2.25 17.79 -1.07
CA LEU A 269 0.92 18.44 -1.16
C LEU A 269 1.03 19.98 -1.23
N ASP A 270 1.90 20.58 -0.43
CA ASP A 270 2.13 22.05 -0.49
C ASP A 270 2.58 22.44 -1.89
N ARG A 271 3.45 21.62 -2.52
CA ARG A 271 3.88 21.89 -3.90
C ARG A 271 2.70 21.80 -4.84
N ALA A 272 1.85 20.80 -4.63
CA ALA A 272 0.68 20.65 -5.50
C ALA A 272 -0.28 21.84 -5.37
N VAL A 273 -0.54 22.30 -4.15
CA VAL A 273 -1.47 23.45 -3.96
C VAL A 273 -0.87 24.73 -4.62
N ALA A 274 0.43 24.92 -4.45
CA ALA A 274 1.18 26.01 -5.05
C ALA A 274 1.14 26.02 -6.60
N ALA A 275 1.22 24.84 -7.22
CA ALA A 275 1.03 24.66 -8.69
C ALA A 275 -0.41 24.84 -9.15
N GLY A 276 -1.32 25.15 -8.23
CA GLY A 276 -2.71 25.50 -8.54
C GLY A 276 -3.65 24.31 -8.43
N PHE A 277 -3.15 23.19 -7.94
CA PHE A 277 -3.97 21.98 -7.69
C PHE A 277 -4.63 21.92 -6.30
N GLY A 278 -4.64 23.03 -5.55
CA GLY A 278 -5.36 23.09 -4.28
C GLY A 278 -6.82 23.13 -4.63
N GLU A 279 -7.66 22.56 -3.76
CA GLU A 279 -9.09 22.38 -4.09
C GLU A 279 -9.28 21.32 -5.21
N SER A 280 -8.23 20.97 -5.97
CA SER A 280 -8.35 19.84 -6.92
C SER A 280 -8.29 18.53 -6.18
N SER A 281 -8.51 17.47 -6.91
CA SER A 281 -8.50 16.15 -6.35
C SER A 281 -7.05 15.74 -5.92
N TYR A 282 -6.94 14.79 -4.99
CA TYR A 282 -5.63 14.23 -4.55
C TYR A 282 -4.86 13.72 -5.76
N TYR A 283 -5.56 13.09 -6.70
CA TYR A 283 -4.92 12.40 -7.84
C TYR A 283 -4.10 13.34 -8.63
N SER A 284 -4.49 14.62 -8.64
CA SER A 284 -3.75 15.64 -9.39
C SER A 284 -2.31 15.89 -8.92
N VAL A 285 -1.95 15.47 -7.71
CA VAL A 285 -0.54 15.37 -7.32
C VAL A 285 0.32 14.74 -8.46
N ILE A 286 -0.23 13.75 -9.15
CA ILE A 286 0.45 13.09 -10.27
C ILE A 286 1.02 14.02 -11.35
N GLU A 287 0.30 15.11 -11.62
CA GLU A 287 0.74 16.07 -12.63
C GLU A 287 2.04 16.77 -12.27
N LEU A 288 2.45 16.76 -11.01
CA LEU A 288 3.79 17.24 -10.66
C LEU A 288 4.91 16.37 -11.24
N TRP A 289 4.63 15.12 -11.62
CA TRP A 289 5.67 14.21 -12.02
C TRP A 289 5.69 13.85 -13.49
N ARG A 290 4.83 14.43 -14.32
CA ARG A 290 4.82 14.06 -15.77
C ARG A 290 4.56 15.24 -16.72
N ASN B 5 -36.90 4.93 19.11
CA ASN B 5 -36.28 5.05 20.49
C ASN B 5 -34.76 5.24 20.38
N LEU B 6 -33.98 4.88 21.41
CA LEU B 6 -32.56 5.15 21.45
C LEU B 6 -32.27 6.62 20.96
N PRO B 7 -32.66 7.61 21.78
CA PRO B 7 -32.30 8.98 21.47
C PRO B 7 -30.82 9.25 21.43
N VAL B 8 -30.41 10.12 20.52
CA VAL B 8 -29.03 10.45 20.41
C VAL B 8 -28.99 11.91 20.00
N THR B 9 -28.01 12.62 20.52
CA THR B 9 -27.74 13.99 20.12
C THR B 9 -26.45 14.08 19.32
N VAL B 10 -26.47 14.80 18.18
CA VAL B 10 -25.28 15.08 17.44
C VAL B 10 -24.99 16.57 17.58
N ALA B 11 -23.81 16.88 18.08
CA ALA B 11 -23.25 18.27 18.11
C ALA B 11 -22.20 18.48 17.05
N GLY B 12 -22.51 19.34 16.09
CA GLY B 12 -21.64 19.62 14.96
C GLY B 12 -22.18 19.10 13.68
N LEU B 13 -22.46 20.00 12.75
CA LEU B 13 -23.22 19.67 11.57
C LEU B 13 -22.51 20.12 10.31
N GLY B 14 -21.17 20.03 10.32
CA GLY B 14 -20.40 20.09 9.08
C GLY B 14 -20.72 18.89 8.19
N PRO B 15 -19.96 18.73 7.10
CA PRO B 15 -20.21 17.56 6.21
C PRO B 15 -20.28 16.22 6.96
N MET B 16 -19.33 15.98 7.84
CA MET B 16 -19.28 14.73 8.59
C MET B 16 -20.38 14.61 9.67
N GLY B 17 -20.56 15.62 10.50
CA GLY B 17 -21.62 15.66 11.47
C GLY B 17 -23.01 15.47 10.92
N SER B 18 -23.26 16.09 9.79
CA SER B 18 -24.50 15.91 9.10
C SER B 18 -24.71 14.49 8.61
N ALA B 19 -23.65 13.85 8.08
CA ALA B 19 -23.70 12.47 7.66
C ALA B 19 -23.99 11.57 8.85
N LEU B 20 -23.34 11.87 9.99
CA LEU B 20 -23.59 11.10 11.20
C LEU B 20 -25.06 11.17 11.61
N ALA B 21 -25.58 12.39 11.68
CA ALA B 21 -27.01 12.62 12.11
C ALA B 21 -27.97 11.94 11.14
N ALA B 22 -27.67 12.05 9.84
CA ALA B 22 -28.56 11.51 8.82
C ALA B 22 -28.57 9.99 8.92
N ALA B 23 -27.40 9.38 9.15
CA ALA B 23 -27.35 7.92 9.31
C ALA B 23 -28.10 7.41 10.53
N LEU B 24 -28.00 8.14 11.64
CA LEU B 24 -28.80 7.77 12.80
C LEU B 24 -30.30 7.93 12.54
N LEU B 25 -30.66 9.00 11.83
CA LEU B 25 -32.08 9.18 11.41
C LEU B 25 -32.52 8.04 10.51
N ASP B 26 -31.67 7.63 9.55
CA ASP B 26 -31.99 6.51 8.70
C ASP B 26 -32.20 5.17 9.42
N ARG B 27 -31.52 4.97 10.54
CA ARG B 27 -31.71 3.80 11.36
C ARG B 27 -32.88 3.92 12.29
N GLY B 28 -33.49 5.11 12.33
CA GLY B 28 -34.71 5.36 13.10
C GLY B 28 -34.53 5.80 14.55
N HIS B 29 -33.37 6.35 14.90
CA HIS B 29 -33.20 6.99 16.22
C HIS B 29 -33.95 8.31 16.25
N ASP B 30 -34.37 8.71 17.46
CA ASP B 30 -34.76 10.09 17.81
C ASP B 30 -33.52 10.94 17.93
N VAL B 31 -33.27 11.75 16.93
CA VAL B 31 -32.01 12.49 16.84
C VAL B 31 -32.25 13.95 17.10
N THR B 32 -31.51 14.49 18.05
CA THR B 32 -31.50 15.92 18.33
C THR B 32 -30.22 16.45 17.83
N VAL B 33 -30.28 17.52 17.02
CA VAL B 33 -29.07 18.12 16.48
C VAL B 33 -28.78 19.49 17.08
N TRP B 34 -27.51 19.85 17.09
CA TRP B 34 -27.07 21.16 17.54
C TRP B 34 -25.88 21.58 16.71
N ASN B 35 -25.84 22.86 16.34
CA ASN B 35 -24.75 23.43 15.61
C ASN B 35 -24.57 24.92 15.96
N ARG B 36 -23.34 25.43 15.87
CA ARG B 36 -23.10 26.84 16.23
C ARG B 36 -23.86 27.77 15.28
N SER B 37 -23.65 27.63 13.97
CA SER B 37 -24.52 28.28 12.96
C SER B 37 -25.86 27.54 12.78
N PRO B 38 -27.01 28.22 13.02
CA PRO B 38 -28.33 27.55 12.86
C PRO B 38 -28.75 27.18 11.44
N GLY B 39 -28.04 27.65 10.42
CA GLY B 39 -28.37 27.30 9.05
C GLY B 39 -28.26 25.81 8.74
N LYS B 40 -27.31 25.13 9.37
CA LYS B 40 -26.93 23.81 8.91
C LYS B 40 -27.93 22.74 9.38
N ALA B 41 -28.78 23.05 10.36
CA ALA B 41 -29.76 22.09 10.89
C ALA B 41 -30.96 21.78 10.00
N ALA B 42 -31.33 22.71 9.13
CA ALA B 42 -32.63 22.61 8.39
C ALA B 42 -32.82 21.31 7.61
N PRO B 43 -31.80 20.91 6.82
CA PRO B 43 -31.98 19.65 6.07
C PRO B 43 -32.20 18.43 7.01
N LEU B 44 -31.57 18.44 8.19
CA LEU B 44 -31.75 17.35 9.15
C LEU B 44 -33.08 17.40 9.82
N VAL B 45 -33.52 18.63 10.10
CA VAL B 45 -34.90 18.80 10.61
C VAL B 45 -35.89 18.26 9.58
N ALA B 46 -35.67 18.60 8.31
CA ALA B 46 -36.51 18.02 7.22
C ALA B 46 -36.56 16.50 7.28
N LYS B 47 -35.44 15.87 7.66
CA LYS B 47 -35.33 14.41 7.76
C LYS B 47 -35.80 13.82 9.05
N GLY B 48 -36.29 14.62 9.99
CA GLY B 48 -36.96 14.11 11.20
C GLY B 48 -36.19 14.42 12.49
N ALA B 49 -35.10 15.19 12.40
CA ALA B 49 -34.36 15.60 13.60
C ALA B 49 -35.11 16.70 14.33
N ARG B 50 -34.93 16.80 15.64
CA ARG B 50 -35.36 17.93 16.43
C ARG B 50 -34.14 18.84 16.62
N GLN B 51 -34.28 20.12 16.29
CA GLN B 51 -33.22 21.08 16.53
C GLN B 51 -33.27 21.55 17.96
N ALA B 52 -32.15 21.56 18.65
CA ALA B 52 -32.16 22.04 20.00
C ALA B 52 -31.97 23.54 19.99
N ASP B 53 -32.71 24.23 20.87
CA ASP B 53 -32.63 25.69 21.04
C ASP B 53 -31.24 26.03 21.53
N ASP B 54 -30.84 25.28 22.55
CA ASP B 54 -29.61 25.52 23.21
C ASP B 54 -28.97 24.21 23.63
N ILE B 55 -27.73 24.31 24.02
CA ILE B 55 -26.91 23.16 24.27
C ILE B 55 -27.41 22.37 25.49
N VAL B 56 -27.95 23.04 26.50
CA VAL B 56 -28.51 22.32 27.64
C VAL B 56 -29.62 21.38 27.19
N ASP B 57 -30.49 21.90 26.32
CA ASP B 57 -31.57 21.19 25.69
C ASP B 57 -31.05 19.99 24.93
N ALA B 58 -30.08 20.25 24.06
CA ALA B 58 -29.46 19.21 23.21
C ALA B 58 -28.93 18.07 24.06
N VAL B 59 -28.16 18.45 25.08
CA VAL B 59 -27.51 17.52 25.98
C VAL B 59 -28.54 16.78 26.81
N SER B 60 -29.57 17.46 27.27
CA SER B 60 -30.56 16.79 28.10
C SER B 60 -31.47 15.86 27.36
N ALA B 61 -31.51 15.96 26.05
CA ALA B 61 -32.43 15.16 25.25
C ALA B 61 -31.99 13.72 25.19
N SER B 62 -30.70 13.44 25.45
CA SER B 62 -30.15 12.12 25.16
C SER B 62 -29.08 11.74 26.18
N ARG B 63 -28.93 10.45 26.44
CA ARG B 63 -27.85 9.93 27.31
C ARG B 63 -26.57 9.83 26.49
N LEU B 64 -26.73 9.57 25.18
CA LEU B 64 -25.60 9.57 24.26
C LEU B 64 -25.48 10.82 23.43
N LEU B 65 -24.27 11.39 23.46
CA LEU B 65 -23.90 12.63 22.76
C LEU B 65 -22.72 12.42 21.80
N VAL B 66 -23.00 12.58 20.52
CA VAL B 66 -22.03 12.30 19.49
C VAL B 66 -21.53 13.63 19.05
N VAL B 67 -20.22 13.85 19.14
CA VAL B 67 -19.61 15.14 18.87
C VAL B 67 -18.67 15.08 17.66
N CYS B 68 -18.87 16.00 16.72
CA CYS B 68 -18.09 16.10 15.53
C CYS B 68 -17.91 17.57 15.18
N LEU B 69 -17.07 18.21 15.95
CA LEU B 69 -16.74 19.61 15.76
C LEU B 69 -15.45 19.80 14.96
N ALA B 70 -15.20 21.05 14.55
CA ALA B 70 -13.98 21.37 13.81
C ALA B 70 -12.61 21.15 14.52
N ASP B 71 -12.56 21.02 15.85
CA ASP B 71 -11.28 20.58 16.50
C ASP B 71 -11.38 20.07 17.95
N ASP B 73 -10.53 21.91 20.70
CA ASP B 73 -10.91 23.17 21.34
C ASP B 73 -12.40 23.40 21.29
N ALA B 74 -12.99 23.30 20.08
CA ALA B 74 -14.39 23.62 19.92
C ALA B 74 -15.27 22.76 20.81
N LEU B 75 -14.74 21.65 21.34
CA LEU B 75 -15.46 20.85 22.34
C LEU B 75 -15.80 21.53 23.65
N TYR B 76 -14.82 22.23 24.19
CA TYR B 76 -14.90 22.82 25.51
C TYR B 76 -15.82 24.03 25.47
N SER B 77 -15.79 24.71 24.35
CA SER B 77 -16.53 25.92 24.16
C SER B 77 -17.97 25.57 23.76
N ALA B 78 -18.16 24.47 23.03
CA ALA B 78 -19.48 24.13 22.54
C ALA B 78 -20.31 23.50 23.60
N LEU B 79 -19.72 22.59 24.40
CA LEU B 79 -20.50 21.82 25.37
C LEU B 79 -20.32 22.35 26.78
N GLY B 80 -19.31 23.16 27.01
CA GLY B 80 -19.13 23.78 28.31
C GLY B 80 -20.37 24.38 28.98
N PRO B 81 -21.10 25.23 28.27
CA PRO B 81 -22.30 25.79 28.90
C PRO B 81 -23.28 24.76 29.38
N ALA B 82 -23.23 23.53 28.89
CA ALA B 82 -24.16 22.55 29.46
C ALA B 82 -23.94 22.14 30.91
N ARG B 83 -22.73 22.40 31.44
CA ARG B 83 -22.45 22.26 32.90
C ARG B 83 -23.04 21.00 33.48
N GLU B 84 -23.94 21.08 34.46
CA GLU B 84 -24.35 19.87 35.17
C GLU B 84 -25.21 18.98 34.33
N ALA B 85 -25.67 19.44 33.18
CA ALA B 85 -26.52 18.54 32.40
C ALA B 85 -25.69 17.41 31.79
N LEU B 86 -24.38 17.60 31.70
CA LEU B 86 -23.49 16.54 31.24
C LEU B 86 -23.35 15.37 32.19
N ARG B 87 -23.54 15.62 33.49
CA ARG B 87 -23.36 14.57 34.45
C ARG B 87 -24.18 13.32 34.11
N GLY B 88 -23.51 12.16 34.13
CA GLY B 88 -24.18 10.87 33.85
C GLY B 88 -24.46 10.58 32.39
N ARG B 89 -23.99 11.43 31.49
CA ARG B 89 -24.18 11.20 30.05
C ARG B 89 -22.86 10.68 29.51
N VAL B 90 -22.85 10.39 28.21
CA VAL B 90 -21.69 9.86 27.53
C VAL B 90 -21.41 10.69 26.30
N VAL B 91 -20.18 11.15 26.18
CA VAL B 91 -19.69 11.78 24.98
C VAL B 91 -18.87 10.83 24.11
N VAL B 92 -19.19 10.78 22.82
CA VAL B 92 -18.42 10.04 21.80
C VAL B 92 -17.83 11.12 20.95
N ASN B 93 -16.54 11.39 21.12
CA ASN B 93 -15.88 12.50 20.40
C ASN B 93 -15.17 11.96 19.17
N LEU B 94 -15.63 12.41 18.00
CA LEU B 94 -15.19 11.87 16.74
C LEU B 94 -14.30 12.81 15.97
N ASN B 95 -13.85 13.86 16.57
CA ASN B 95 -13.00 14.74 15.84
C ASN B 95 -11.52 14.89 16.18
N SER B 96 -11.09 14.50 17.37
CA SER B 96 -9.71 14.69 17.89
C SER B 96 -8.55 14.73 16.90
N GLY B 97 -7.62 15.62 17.13
CA GLY B 97 -6.47 15.75 16.29
C GLY B 97 -5.31 14.90 16.73
N THR B 98 -4.91 14.98 17.98
CA THR B 98 -3.78 14.21 18.48
C THR B 98 -4.13 13.45 19.75
N PRO B 99 -3.30 12.50 20.17
CA PRO B 99 -3.59 11.80 21.40
C PRO B 99 -3.64 12.67 22.65
N LYS B 100 -2.72 13.62 22.79
CA LYS B 100 -2.81 14.60 23.87
C LYS B 100 -4.20 15.29 23.88
N GLU B 101 -4.72 15.73 22.73
CA GLU B 101 -6.07 16.34 22.70
C GLU B 101 -7.18 15.37 23.12
N ALA B 102 -7.08 14.10 22.72
CA ALA B 102 -8.01 13.09 23.21
C ALA B 102 -7.96 12.98 24.72
N ASN B 103 -6.74 12.98 25.26
CA ASN B 103 -6.56 12.91 26.71
C ASN B 103 -7.08 14.13 27.47
N GLU B 104 -6.88 15.31 26.93
CA GLU B 104 -7.48 16.53 27.49
C GLU B 104 -9.01 16.46 27.47
N ALA B 105 -9.59 15.92 26.41
CA ALA B 105 -11.06 15.83 26.33
C ALA B 105 -11.59 14.85 27.35
N LEU B 106 -10.91 13.71 27.51
CA LEU B 106 -11.24 12.76 28.58
C LEU B 106 -11.25 13.45 29.94
N ARG B 107 -10.21 14.23 30.25
CA ARG B 107 -10.15 14.91 31.58
C ARG B 107 -11.29 15.84 31.74
N TRP B 108 -11.52 16.63 30.70
CA TRP B 108 -12.68 17.52 30.68
C TRP B 108 -14.00 16.77 30.93
N ALA B 109 -14.23 15.70 30.18
CA ALA B 109 -15.44 14.91 30.31
C ALA B 109 -15.61 14.37 31.75
N GLU B 110 -14.53 13.79 32.28
CA GLU B 110 -14.61 13.11 33.58
C GLU B 110 -14.82 14.08 34.72
N ARG B 111 -14.21 15.25 34.60
CA ARG B 111 -14.43 16.38 35.51
C ARG B 111 -15.93 16.71 35.62
N HIS B 112 -16.69 16.54 34.53
CA HIS B 112 -18.14 16.80 34.52
C HIS B 112 -19.00 15.58 34.80
N GLY B 113 -18.39 14.45 35.16
CA GLY B 113 -19.12 13.24 35.45
C GLY B 113 -19.67 12.57 34.23
N THR B 114 -18.98 12.75 33.10
CA THR B 114 -19.43 12.28 31.80
C THR B 114 -18.55 11.13 31.37
N GLY B 115 -19.18 10.04 30.89
CA GLY B 115 -18.44 8.98 30.18
C GLY B 115 -17.84 9.48 28.87
N TYR B 116 -16.73 8.86 28.43
CA TYR B 116 -16.02 9.32 27.25
C TYR B 116 -15.52 8.20 26.36
N LEU B 117 -15.85 8.28 25.08
CA LEU B 117 -15.23 7.47 24.05
C LEU B 117 -14.65 8.39 23.00
N ASP B 118 -13.45 8.07 22.55
CA ASP B 118 -12.83 8.79 21.43
C ASP B 118 -12.89 7.85 20.27
N GLY B 119 -13.28 8.38 19.12
CA GLY B 119 -13.47 7.57 17.92
C GLY B 119 -12.84 8.21 16.74
N ALA B 120 -12.44 7.37 15.78
CA ALA B 120 -11.83 7.82 14.55
C ALA B 120 -12.62 7.24 13.40
N ILE B 121 -13.03 8.11 12.50
CA ILE B 121 -13.94 7.72 11.45
C ILE B 121 -13.05 7.34 10.30
N MET B 122 -13.16 6.10 9.86
CA MET B 122 -12.21 5.64 8.83
C MET B 122 -12.71 5.68 7.36
N VAL B 123 -13.83 6.36 7.11
CA VAL B 123 -14.38 6.46 5.78
C VAL B 123 -14.83 7.89 5.57
N PRO B 124 -15.01 8.26 4.30
CA PRO B 124 -15.59 9.62 4.10
C PRO B 124 -17.10 9.69 4.50
N PRO B 125 -17.62 10.94 4.64
CA PRO B 125 -19.00 11.20 5.00
C PRO B 125 -20.01 10.36 4.24
N ALA B 126 -19.84 10.25 2.92
CA ALA B 126 -20.82 9.54 2.08
C ALA B 126 -20.91 8.06 2.39
N MET B 127 -19.87 7.49 3.01
CA MET B 127 -19.89 6.07 3.39
C MET B 127 -20.45 5.79 4.78
N VAL B 128 -20.60 6.84 5.58
CA VAL B 128 -21.07 6.70 6.95
C VAL B 128 -22.45 6.07 6.91
N GLY B 129 -22.65 5.07 7.73
CA GLY B 129 -23.91 4.36 7.79
C GLY B 129 -24.06 3.22 6.82
N HIS B 130 -23.12 3.03 5.90
CA HIS B 130 -23.28 2.04 4.85
C HIS B 130 -22.36 0.85 5.11
N PRO B 131 -22.62 -0.32 4.46
CA PRO B 131 -21.67 -1.46 4.61
C PRO B 131 -20.29 -1.08 4.14
N GLY B 132 -19.28 -1.51 4.89
CA GLY B 132 -17.92 -1.07 4.69
C GLY B 132 -17.46 0.00 5.69
N SER B 133 -18.41 0.74 6.28
CA SER B 133 -18.03 1.83 7.19
C SER B 133 -17.39 1.23 8.46
N VAL B 134 -16.28 1.80 8.88
CA VAL B 134 -15.57 1.34 10.08
C VAL B 134 -15.19 2.56 10.87
N PHE B 135 -15.43 2.46 12.18
CA PHE B 135 -15.06 3.50 13.13
C PHE B 135 -14.19 2.79 14.20
N LEU B 136 -13.10 3.41 14.55
CA LEU B 136 -12.22 2.94 15.65
C LEU B 136 -12.54 3.68 16.92
N TYR B 137 -12.66 2.94 18.03
CA TYR B 137 -12.96 3.53 19.32
C TYR B 137 -11.91 3.17 20.40
N SER B 138 -11.69 4.13 21.29
CA SER B 138 -10.96 3.90 22.47
C SER B 138 -11.63 4.64 23.64
N GLY B 139 -11.59 3.99 24.81
CA GLY B 139 -12.19 4.53 26.05
C GLY B 139 -12.77 3.38 26.84
N SER B 140 -13.44 3.72 27.94
CA SER B 140 -14.08 2.73 28.79
C SER B 140 -14.79 1.60 28.07
N ALA B 141 -14.41 0.38 28.38
CA ALA B 141 -15.04 -0.83 27.82
C ALA B 141 -16.51 -0.97 28.18
N GLU B 142 -16.90 -0.51 29.36
CA GLU B 142 -18.28 -0.61 29.77
C GLU B 142 -19.16 0.36 28.98
N VAL B 143 -18.66 1.55 28.78
CA VAL B 143 -19.34 2.52 27.94
C VAL B 143 -19.47 1.97 26.54
N PHE B 144 -18.37 1.42 26.01
CA PHE B 144 -18.39 0.85 24.69
C PHE B 144 -19.44 -0.27 24.53
N GLU B 145 -19.50 -1.20 25.48
CA GLU B 145 -20.41 -2.32 25.40
C GLU B 145 -21.83 -1.81 25.55
N GLU B 146 -22.04 -0.75 26.36
CA GLU B 146 -23.39 -0.21 26.50
C GLU B 146 -23.96 0.42 25.22
N TYR B 147 -23.12 1.08 24.43
CA TYR B 147 -23.56 1.83 23.26
C TYR B 147 -23.16 1.26 21.91
N LYS B 148 -22.51 0.10 21.96
CA LYS B 148 -22.06 -0.69 20.81
C LYS B 148 -23.13 -0.78 19.72
N GLU B 149 -24.35 -1.14 20.12
CA GLU B 149 -25.45 -1.37 19.18
C GLU B 149 -25.83 -0.09 18.46
N THR B 150 -25.94 1.00 19.19
CA THR B 150 -26.15 2.29 18.58
C THR B 150 -24.98 2.72 17.67
N LEU B 151 -23.74 2.55 18.14
CA LEU B 151 -22.57 2.97 17.34
C LEU B 151 -22.46 2.20 16.04
N ALA B 152 -22.89 0.95 16.08
CA ALA B 152 -22.92 0.10 14.90
C ALA B 152 -23.74 0.65 13.75
N GLY B 153 -24.73 1.51 14.01
CA GLY B 153 -25.46 2.17 12.94
C GLY B 153 -24.62 3.14 12.09
N LEU B 154 -23.51 3.59 12.63
CA LEU B 154 -22.61 4.43 11.89
C LEU B 154 -21.58 3.68 11.05
N GLY B 155 -21.19 2.51 11.50
CA GLY B 155 -20.01 1.83 10.98
C GLY B 155 -19.67 0.71 11.94
N ASP B 156 -19.00 -0.32 11.44
CA ASP B 156 -18.54 -1.39 12.26
C ASP B 156 -17.65 -0.81 13.37
N PRO B 157 -18.04 -0.97 14.63
CA PRO B 157 -17.29 -0.35 15.70
C PRO B 157 -16.18 -1.25 16.25
N VAL B 158 -14.94 -0.80 16.16
CA VAL B 158 -13.77 -1.59 16.61
C VAL B 158 -13.18 -0.94 17.84
N HIS B 159 -13.21 -1.66 18.96
CA HIS B 159 -12.70 -1.13 20.20
C HIS B 159 -11.21 -1.48 20.34
N LEU B 160 -10.33 -0.49 20.42
CA LEU B 160 -8.90 -0.74 20.43
C LEU B 160 -8.32 -0.96 21.82
N GLY B 161 -9.03 -0.52 22.84
CA GLY B 161 -8.48 -0.50 24.20
C GLY B 161 -9.13 0.63 24.97
N THR B 162 -8.78 0.74 26.27
CA THR B 162 -9.51 1.63 27.14
C THR B 162 -8.87 3.01 27.25
N GLU B 163 -7.63 3.18 26.81
CA GLU B 163 -6.99 4.51 26.91
C GLU B 163 -7.48 5.47 25.79
N ALA B 164 -7.78 6.70 26.18
CA ALA B 164 -8.47 7.67 25.35
C ALA B 164 -7.78 7.92 24.02
N GLY B 165 -6.45 8.07 24.06
CA GLY B 165 -5.68 8.46 22.93
C GLY B 165 -5.42 7.43 21.85
N LEU B 166 -5.84 6.18 22.05
CA LEU B 166 -5.51 5.12 21.12
C LEU B 166 -6.15 5.26 19.74
N ALA B 167 -7.41 5.67 19.67
CA ALA B 167 -8.07 5.75 18.36
C ALA B 167 -7.38 6.73 17.42
N VAL B 168 -7.10 7.92 17.92
CA VAL B 168 -6.36 8.92 17.16
C VAL B 168 -4.95 8.50 16.84
N LEU B 169 -4.33 7.77 17.75
CA LEU B 169 -2.98 7.26 17.47
C LEU B 169 -3.01 6.27 16.30
N TYR B 170 -3.93 5.31 16.34
CA TYR B 170 -4.07 4.36 15.27
C TYR B 170 -4.45 5.02 13.99
N ASN B 171 -5.39 5.96 14.08
CA ASN B 171 -5.84 6.66 12.89
C ASN B 171 -4.71 7.43 12.21
N THR B 172 -3.95 8.21 12.98
CA THR B 172 -2.83 8.96 12.41
C THR B 172 -1.77 8.04 11.78
N ALA B 173 -1.53 6.92 12.45
CA ALA B 173 -0.57 5.95 11.96
C ALA B 173 -1.01 5.36 10.57
N LEU B 174 -2.25 4.90 10.54
CA LEU B 174 -2.82 4.31 9.37
C LEU B 174 -2.88 5.30 8.23
N LEU B 175 -3.31 6.52 8.53
CA LEU B 175 -3.35 7.56 7.51
C LEU B 175 -1.94 7.88 6.98
N SER B 176 -0.94 7.80 7.84
CA SER B 176 0.43 8.08 7.37
C SER B 176 0.83 7.06 6.30
N MET B 177 0.53 5.79 6.53
CA MET B 177 0.72 4.75 5.56
C MET B 177 -0.06 4.99 4.28
N MET B 178 -1.31 5.45 4.43
CA MET B 178 -2.18 5.70 3.28
C MET B 178 -1.60 6.75 2.37
N TYR B 179 -1.15 7.90 2.92
CA TYR B 179 -0.55 8.91 2.08
C TYR B 179 0.67 8.42 1.34
N SER B 180 1.56 7.70 2.03
CA SER B 180 2.77 7.20 1.35
C SER B 180 2.40 6.20 0.25
N SER B 181 1.46 5.29 0.53
CA SER B 181 1.03 4.29 -0.45
C SER B 181 0.41 4.95 -1.68
N MET B 182 -0.39 6.01 -1.45
CA MET B 182 -1.07 6.73 -2.54
C MET B 182 -0.07 7.45 -3.40
N ASN B 183 0.93 8.01 -2.76
CA ASN B 183 1.99 8.69 -3.52
C ASN B 183 2.81 7.71 -4.35
N GLY B 184 3.13 6.55 -3.81
CA GLY B 184 3.82 5.51 -4.57
C GLY B 184 2.99 5.02 -5.74
N PHE B 185 1.69 4.84 -5.49
CA PHE B 185 0.76 4.48 -6.56
C PHE B 185 0.78 5.52 -7.65
N LEU B 186 0.76 6.76 -7.28
CA LEU B 186 0.72 7.83 -8.31
C LEU B 186 2.02 7.85 -9.10
N HIS B 187 3.16 7.59 -8.47
CA HIS B 187 4.38 7.45 -9.25
C HIS B 187 4.29 6.27 -10.23
N ALA B 188 3.82 5.11 -9.74
CA ALA B 188 3.58 3.97 -10.60
C ALA B 188 2.68 4.25 -11.81
N ALA B 189 1.54 4.90 -11.58
CA ALA B 189 0.61 5.26 -12.63
C ALA B 189 1.22 6.28 -13.62
N ALA B 190 2.04 7.21 -13.13
CA ALA B 190 2.75 8.08 -13.99
C ALA B 190 3.71 7.30 -14.90
N LEU B 191 4.42 6.38 -14.30
CA LEU B 191 5.41 5.56 -15.02
C LEU B 191 4.76 4.75 -16.16
N VAL B 192 3.68 4.00 -15.88
CA VAL B 192 3.07 3.23 -16.95
C VAL B 192 2.33 4.15 -17.95
N GLY B 193 1.75 5.20 -17.42
CA GLY B 193 1.12 6.23 -18.24
C GLY B 193 2.07 6.88 -19.27
N SER B 194 3.35 7.02 -18.94
CA SER B 194 4.34 7.59 -19.85
C SER B 194 4.55 6.73 -21.08
N ALA B 195 4.21 5.44 -21.05
CA ALA B 195 4.25 4.62 -22.26
C ALA B 195 2.88 4.48 -22.92
N GLY B 196 1.86 5.19 -22.41
CA GLY B 196 0.51 5.09 -22.94
C GLY B 196 -0.27 3.89 -22.45
N VAL B 197 0.09 3.34 -21.33
CA VAL B 197 -0.65 2.21 -20.74
C VAL B 197 -1.91 2.80 -20.15
N PRO B 198 -3.06 2.14 -20.38
CA PRO B 198 -4.29 2.69 -19.86
C PRO B 198 -4.37 2.52 -18.31
N ALA B 199 -4.87 3.53 -17.66
CA ALA B 199 -4.72 3.61 -16.21
C ALA B 199 -5.63 2.67 -15.45
N ALA B 200 -6.82 2.44 -16.00
CA ALA B 200 -7.83 1.65 -15.30
C ALA B 200 -7.33 0.26 -15.07
N GLU B 201 -6.85 -0.35 -16.14
CA GLU B 201 -6.41 -1.71 -16.11
C GLU B 201 -5.19 -1.89 -15.21
N PHE B 202 -4.25 -0.95 -15.28
CA PHE B 202 -3.08 -1.00 -14.41
C PHE B 202 -3.53 -0.89 -12.95
N THR B 203 -4.48 -0.02 -12.73
CA THR B 203 -4.93 0.31 -11.36
C THR B 203 -5.55 -0.93 -10.73
N LYS B 204 -6.30 -1.69 -11.51
CA LYS B 204 -6.90 -2.93 -11.03
C LYS B 204 -5.87 -4.00 -10.73
N LEU B 205 -4.89 -4.16 -11.62
CA LEU B 205 -3.77 -5.05 -11.34
C LEU B 205 -3.06 -4.67 -10.02
N ALA B 206 -2.72 -3.38 -9.87
CA ALA B 206 -2.03 -2.88 -8.70
C ALA B 206 -2.83 -3.09 -7.43
N VAL B 207 -4.16 -2.85 -7.48
CA VAL B 207 -4.99 -2.81 -6.29
C VAL B 207 -5.63 -4.18 -5.99
N ASP B 208 -6.18 -4.83 -7.00
CA ASP B 208 -6.84 -6.13 -6.79
C ASP B 208 -5.86 -7.25 -6.62
N TRP B 209 -4.63 -7.12 -7.13
CA TRP B 209 -3.66 -8.20 -7.01
C TRP B 209 -2.41 -7.75 -6.25
N PHE B 210 -1.68 -6.75 -6.75
CA PHE B 210 -0.38 -6.50 -6.20
C PHE B 210 -0.41 -6.05 -4.73
N LEU B 211 -1.34 -5.15 -4.43
CA LEU B 211 -1.45 -4.60 -3.09
C LEU B 211 -1.61 -5.70 -2.01
N PRO B 212 -2.61 -6.58 -2.11
CA PRO B 212 -2.72 -7.62 -1.11
C PRO B 212 -1.76 -8.78 -1.23
N ALA B 213 -1.56 -9.32 -2.44
CA ALA B 213 -0.65 -10.44 -2.64
C ALA B 213 0.82 -10.15 -2.49
N VAL B 214 1.29 -8.95 -2.81
CA VAL B 214 2.73 -8.67 -2.73
C VAL B 214 3.02 -7.68 -1.59
N ILE B 215 2.43 -6.52 -1.63
CA ILE B 215 2.74 -5.50 -0.63
C ILE B 215 2.38 -6.01 0.77
N GLY B 216 1.14 -6.48 0.95
CA GLY B 216 0.68 -7.00 2.24
C GLY B 216 1.49 -8.18 2.79
N GLN B 217 1.83 -9.11 1.90
CA GLN B 217 2.60 -10.29 2.29
C GLN B 217 4.03 -9.95 2.64
N ILE B 218 4.66 -9.07 1.87
CA ILE B 218 5.97 -8.59 2.21
C ILE B 218 6.04 -7.82 3.50
N ILE B 219 5.05 -7.00 3.79
CA ILE B 219 5.01 -6.34 5.10
C ILE B 219 4.95 -7.38 6.20
N LYS B 220 4.02 -8.34 6.08
CA LYS B 220 3.94 -9.41 7.10
C LYS B 220 5.20 -10.28 7.17
N ALA B 221 5.87 -10.52 6.04
CA ALA B 221 7.15 -11.22 6.01
C ALA B 221 8.22 -10.42 6.73
N GLN B 222 8.31 -9.13 6.46
CA GLN B 222 9.32 -8.32 7.14
C GLN B 222 9.05 -8.14 8.62
N ALA B 223 7.77 -8.15 9.04
CA ALA B 223 7.43 -7.82 10.44
C ALA B 223 8.04 -8.88 11.35
N PRO B 224 8.95 -8.49 12.26
CA PRO B 224 9.67 -9.53 13.01
C PRO B 224 8.78 -10.44 13.90
N THR B 225 7.58 -10.02 14.25
CA THR B 225 6.76 -10.88 15.10
C THR B 225 5.60 -11.51 14.40
N ILE B 226 5.64 -11.57 13.05
CA ILE B 226 4.63 -12.35 12.32
C ILE B 226 5.33 -13.46 11.56
N ASP B 227 4.85 -14.69 11.70
CA ASP B 227 5.45 -15.83 11.02
C ASP B 227 4.38 -16.79 10.58
N TYR B 231 4.00 -17.56 2.94
CA TYR B 231 4.92 -16.70 2.19
C TYR B 231 6.37 -16.88 2.67
N PRO B 232 7.25 -17.50 1.85
CA PRO B 232 8.66 -17.74 2.22
C PRO B 232 9.76 -17.03 1.38
N GLY B 233 9.90 -15.72 1.40
CA GLY B 233 9.08 -14.84 2.19
C GLY B 233 9.96 -13.74 2.71
N ASP B 234 10.27 -12.76 1.86
CA ASP B 234 11.16 -11.67 2.24
C ASP B 234 11.26 -10.51 1.23
N ALA B 235 11.46 -9.24 1.66
CA ALA B 235 11.93 -8.17 0.70
C ALA B 235 13.42 -8.29 0.27
N GLY B 236 14.18 -9.24 0.82
CA GLY B 236 15.63 -9.39 0.57
C GLY B 236 16.42 -8.31 1.31
N SER B 237 17.74 -8.38 1.22
CA SER B 237 18.61 -7.46 1.95
C SER B 237 18.43 -6.04 1.48
N LEU B 238 18.87 -5.10 2.29
CA LEU B 238 18.92 -3.69 1.89
C LEU B 238 19.62 -3.46 0.54
N GLU B 239 20.78 -4.12 0.32
CA GLU B 239 21.59 -3.90 -0.86
C GLU B 239 20.85 -4.28 -2.12
N MET B 240 20.18 -5.41 -2.08
CA MET B 240 19.44 -5.87 -3.19
C MET B 240 18.36 -4.86 -3.54
N ASN B 241 17.72 -4.28 -2.50
CA ASN B 241 16.66 -3.30 -2.71
C ASN B 241 17.20 -1.99 -3.21
N VAL B 242 18.39 -1.60 -2.79
CA VAL B 242 19.04 -0.39 -3.39
C VAL B 242 19.26 -0.59 -4.90
N THR B 243 19.68 -1.76 -5.32
CA THR B 243 19.84 -2.04 -6.73
C THR B 243 18.50 -1.95 -7.46
N THR B 244 17.45 -2.52 -6.86
CA THR B 244 16.12 -2.43 -7.44
C THR B 244 15.75 -0.98 -7.62
N LEU B 245 15.94 -0.17 -6.61
CA LEU B 245 15.60 1.25 -6.71
C LEU B 245 16.34 2.00 -7.79
N LYS B 246 17.62 1.67 -7.98
CA LYS B 246 18.40 2.25 -9.09
C LYS B 246 17.81 1.98 -10.45
N HIS B 247 17.28 0.76 -10.65
CA HIS B 247 16.57 0.43 -11.88
C HIS B 247 15.28 1.20 -12.04
N ILE B 248 14.56 1.43 -10.95
CA ILE B 248 13.31 2.20 -10.96
C ILE B 248 13.68 3.65 -11.31
N ILE B 249 14.73 4.19 -10.72
CA ILE B 249 15.16 5.57 -11.04
C ILE B 249 15.57 5.67 -12.50
N GLY B 250 16.38 4.69 -12.96
CA GLY B 250 16.78 4.63 -14.36
C GLY B 250 15.57 4.63 -15.28
N THR B 251 14.57 3.80 -14.93
CA THR B 251 13.39 3.63 -15.72
C THR B 251 12.60 4.91 -15.75
N SER B 252 12.47 5.56 -14.60
CA SER B 252 11.79 6.83 -14.59
C SER B 252 12.46 7.92 -15.47
N GLN B 253 13.77 8.03 -15.38
CA GLN B 253 14.56 8.95 -16.25
C GLN B 253 14.36 8.66 -17.74
N GLU B 254 14.53 7.43 -18.17
CA GLU B 254 14.31 7.11 -19.58
C GLU B 254 12.85 7.34 -20.02
N GLN B 255 11.86 7.23 -19.12
CA GLN B 255 10.44 7.49 -19.45
C GLN B 255 10.02 8.94 -19.32
N GLY B 256 10.90 9.82 -18.85
CA GLY B 256 10.57 11.23 -18.69
C GLY B 256 9.67 11.48 -17.49
N VAL B 257 9.77 10.67 -16.43
CA VAL B 257 8.90 10.83 -15.26
C VAL B 257 9.76 11.28 -14.11
N ASP B 258 9.25 12.17 -13.28
CA ASP B 258 10.01 12.73 -12.17
C ASP B 258 10.54 11.62 -11.24
N THR B 259 11.79 11.72 -10.80
CA THR B 259 12.43 10.68 -10.06
C THR B 259 12.41 10.92 -8.54
N GLU B 260 11.74 11.98 -8.10
CA GLU B 260 11.70 12.31 -6.66
C GLU B 260 11.28 11.15 -5.73
N ILE B 261 10.15 10.50 -6.02
CA ILE B 261 9.70 9.37 -5.19
C ILE B 261 10.79 8.31 -5.05
N PRO B 262 11.28 7.76 -6.16
CA PRO B 262 12.22 6.68 -5.96
C PRO B 262 13.62 7.13 -5.49
N VAL B 263 14.02 8.34 -5.85
CA VAL B 263 15.26 8.92 -5.28
C VAL B 263 15.18 9.00 -3.77
N ARG B 264 14.07 9.49 -3.25
CA ARG B 264 13.91 9.58 -1.79
C ARG B 264 13.90 8.23 -1.16
N ASN B 265 13.15 7.30 -1.76
CA ASN B 265 13.10 5.94 -1.21
C ASN B 265 14.51 5.30 -1.18
N LYS B 266 15.28 5.52 -2.23
CA LYS B 266 16.67 5.04 -2.30
C LYS B 266 17.57 5.66 -1.24
N GLU B 267 17.44 6.96 -1.06
CA GLU B 267 18.28 7.70 -0.09
C GLU B 267 18.11 7.19 1.34
N LEU B 268 16.86 6.85 1.60
CA LEU B 268 16.50 6.31 2.85
C LEU B 268 17.18 4.98 3.09
N LEU B 269 17.15 4.12 2.07
CA LEU B 269 17.85 2.85 2.13
C LEU B 269 19.36 3.01 2.32
N ASP B 270 19.95 3.95 1.60
CA ASP B 270 21.37 4.21 1.74
C ASP B 270 21.70 4.56 3.20
N ARG B 271 20.83 5.33 3.86
CA ARG B 271 21.05 5.68 5.27
C ARG B 271 20.97 4.41 6.11
N ALA B 272 20.02 3.53 5.82
CA ALA B 272 19.88 2.33 6.60
C ALA B 272 21.11 1.40 6.47
N VAL B 273 21.65 1.26 5.24
CA VAL B 273 22.84 0.40 4.94
C VAL B 273 24.00 0.95 5.72
N ALA B 274 24.16 2.27 5.67
CA ALA B 274 25.20 2.99 6.37
C ALA B 274 25.13 2.72 7.89
N ALA B 275 23.95 2.80 8.49
CA ALA B 275 23.76 2.48 9.91
C ALA B 275 23.91 1.04 10.23
N GLY B 276 23.76 0.13 9.26
CA GLY B 276 23.56 -1.28 9.52
C GLY B 276 24.52 -2.01 8.59
N PHE B 277 23.93 -2.84 7.74
CA PHE B 277 24.64 -3.69 6.81
C PHE B 277 23.94 -3.64 5.46
N GLY B 278 24.66 -3.87 4.37
CA GLY B 278 23.98 -4.12 3.08
C GLY B 278 23.10 -5.36 3.24
N GLU B 279 23.56 -6.30 4.10
CA GLU B 279 22.75 -7.50 4.47
C GLU B 279 21.59 -7.34 5.50
N SER B 280 21.41 -6.19 6.16
CA SER B 280 20.35 -6.06 7.15
C SER B 280 18.96 -6.10 6.51
N SER B 281 17.95 -6.42 7.30
CA SER B 281 16.61 -6.58 6.77
C SER B 281 16.00 -5.24 6.38
N TYR B 282 15.01 -5.27 5.48
CA TYR B 282 14.27 -4.05 5.12
C TYR B 282 13.64 -3.38 6.36
N TYR B 283 13.09 -4.17 7.24
CA TYR B 283 12.37 -3.63 8.41
C TYR B 283 13.21 -2.69 9.26
N SER B 284 14.54 -2.91 9.26
CA SER B 284 15.44 -2.14 10.08
C SER B 284 15.52 -0.67 9.68
N VAL B 285 15.08 -0.31 8.48
CA VAL B 285 14.77 1.07 8.15
C VAL B 285 14.04 1.82 9.33
N ILE B 286 13.16 1.11 10.01
CA ILE B 286 12.36 1.70 11.12
C ILE B 286 13.19 2.34 12.24
N GLU B 287 14.36 1.76 12.50
CA GLU B 287 15.26 2.19 13.53
C GLU B 287 15.83 3.53 13.23
N LEU B 288 15.80 3.99 11.98
CA LEU B 288 16.13 5.39 11.70
C LEU B 288 15.14 6.41 12.31
N TRP B 289 13.93 6.00 12.67
CA TRP B 289 12.94 6.95 13.10
C TRP B 289 12.55 6.87 14.56
N ARG B 290 13.20 6.02 15.35
CA ARG B 290 12.81 5.89 16.78
C ARG B 290 13.95 5.60 17.72
#